data_7F3B
#
_entry.id   7F3B
#
_cell.length_a   64.193
_cell.length_b   64.193
_cell.length_c   215.253
_cell.angle_alpha   90.000
_cell.angle_beta   90.000
_cell.angle_gamma   120.000
#
_symmetry.space_group_name_H-M   'P 61 2 2'
#
loop_
_entity.id
_entity.type
_entity.pdbx_description
1 polymer 'Dihydrofolate reductase'
2 non-polymer 7-[(2-fluorophenyl)methyl]pyrrolo[3,2-f]quinazoline-1,3-diamine
3 non-polymer GLYCEROL
#
_entity_poly.entity_id   1
_entity_poly.type   'polypeptide(L)'
_entity_poly.pdbx_seq_one_letter_code
;MISLIAALAVDRVIGMENAMPWNLPADLAWFKRNTLNKPVIMGRHTWESIGRPLPGRKNIILSSQPGTDDRVTWVKSVDE
AIAACGDVPEIMVIGGGRVYEQFLPKAQKLYLTHIDAEVEGDTHFPDYEPDDWESVFSEFHDADAQNSHSYCFEILERRH
HHHHH
;
_entity_poly.pdbx_strand_id   A
#
# COMPACT_ATOMS: atom_id res chain seq x y z
N MET A 1 8.59 7.80 10.47
CA MET A 1 8.36 8.09 9.06
C MET A 1 7.14 7.37 8.47
N ILE A 2 6.54 7.96 7.44
CA ILE A 2 5.38 7.39 6.77
C ILE A 2 5.81 6.83 5.43
N SER A 3 5.36 5.63 5.10
CA SER A 3 5.60 5.04 3.79
C SER A 3 4.28 4.60 3.15
N LEU A 4 4.24 4.63 1.82
CA LEU A 4 3.16 4.00 1.07
C LEU A 4 3.74 2.81 0.33
N ILE A 5 3.02 1.69 0.42
CA ILE A 5 3.34 0.48 -0.32
C ILE A 5 2.13 0.19 -1.21
N ALA A 6 2.35 0.18 -2.52
CA ALA A 6 1.28 -0.07 -3.47
C ALA A 6 1.79 -1.04 -4.52
N ALA A 7 0.84 -1.65 -5.24
CA ALA A 7 1.14 -2.38 -6.46
C ALA A 7 0.44 -1.66 -7.59
N LEU A 8 1.20 -1.25 -8.60
CA LEU A 8 0.69 -0.46 -9.70
C LEU A 8 0.68 -1.29 -10.97
N ALA A 9 -0.37 -1.16 -11.77
CA ALA A 9 -0.42 -1.74 -13.10
C ALA A 9 0.04 -0.69 -14.12
N VAL A 10 -0.05 -1.03 -15.41
CA VAL A 10 0.23 -0.07 -16.48
C VAL A 10 -0.65 1.16 -16.29
N ASP A 11 -0.11 2.33 -16.65
CA ASP A 11 -0.75 3.64 -16.46
C ASP A 11 -0.97 3.97 -14.99
N ARG A 12 -0.20 3.33 -14.11
CA ARG A 12 -0.22 3.61 -12.68
C ARG A 12 -1.59 3.30 -12.09
N VAL A 13 -2.22 2.25 -12.58
CA VAL A 13 -3.57 1.91 -12.14
C VAL A 13 -3.48 1.11 -10.84
N ILE A 14 -4.19 1.58 -9.83
CA ILE A 14 -4.26 1.01 -8.49
C ILE A 14 -5.50 0.12 -8.42
N GLY A 15 -5.50 -0.91 -7.57
CA GLY A 15 -6.64 -1.80 -7.57
C GLY A 15 -6.77 -2.67 -6.34
N MET A 16 -8.03 -2.96 -5.97
CA MET A 16 -8.35 -3.96 -4.98
C MET A 16 -8.02 -5.37 -5.47
N GLU A 17 -7.41 -6.15 -4.59
CA GLU A 17 -6.76 -7.42 -4.91
C GLU A 17 -7.68 -8.62 -4.72
N ASN A 18 -7.31 -9.50 -3.79
CA ASN A 18 -8.01 -10.77 -3.55
C ASN A 18 -7.83 -11.71 -4.75
N ALA A 19 -8.03 -11.20 -5.97
CA ALA A 19 -7.61 -11.90 -7.18
C ALA A 19 -6.92 -10.92 -8.13
N MET A 20 -7.48 -10.73 -9.34
CA MET A 20 -7.02 -9.70 -10.28
C MET A 20 -5.56 -9.98 -10.64
N PRO A 21 -4.80 -9.02 -11.21
CA PRO A 21 -3.34 -9.21 -11.27
C PRO A 21 -2.58 -8.82 -10.01
N TRP A 22 -3.24 -8.63 -8.87
CA TRP A 22 -2.58 -8.19 -7.65
C TRP A 22 -2.48 -9.30 -6.59
N ASN A 23 -2.91 -10.50 -6.92
CA ASN A 23 -2.72 -11.68 -6.09
C ASN A 23 -1.36 -12.32 -6.28
N LEU A 24 -0.44 -11.67 -7.00
CA LEU A 24 0.85 -12.25 -7.34
C LEU A 24 1.55 -12.72 -6.07
N PRO A 25 1.91 -14.00 -5.95
CA PRO A 25 2.50 -14.50 -4.69
C PRO A 25 3.77 -13.77 -4.28
N ALA A 26 4.66 -13.49 -5.24
CA ALA A 26 5.91 -12.81 -4.94
C ALA A 26 5.70 -11.37 -4.47
N ASP A 27 4.66 -10.69 -4.99
CA ASP A 27 4.33 -9.35 -4.51
C ASP A 27 3.74 -9.40 -3.10
N LEU A 28 2.85 -10.36 -2.84
CA LEU A 28 2.35 -10.61 -1.50
C LEU A 28 3.49 -10.82 -0.50
N ALA A 29 4.56 -11.51 -0.91
CA ALA A 29 5.69 -11.72 0.00
C ALA A 29 6.54 -10.46 0.17
N TRP A 30 6.67 -9.66 -0.89
CA TRP A 30 7.31 -8.36 -0.77
C TRP A 30 6.53 -7.47 0.17
N PHE A 31 5.21 -7.46 0.00
CA PHE A 31 4.34 -6.72 0.91
C PHE A 31 4.48 -7.25 2.33
N LYS A 32 4.31 -8.56 2.54
CA LYS A 32 4.34 -9.13 3.89
C LYS A 32 5.68 -8.82 4.57
N ARG A 33 6.77 -8.78 3.80
CA ARG A 33 8.08 -8.52 4.40
C ARG A 33 8.20 -7.07 4.86
N ASN A 34 7.93 -6.13 3.96
CA ASN A 34 8.09 -4.72 4.26
C ASN A 34 6.99 -4.20 5.19
N THR A 35 5.95 -4.97 5.38
CA THR A 35 4.84 -4.54 6.20
C THR A 35 4.81 -5.28 7.53
N LEU A 36 5.70 -6.26 7.72
CA LEU A 36 5.78 -7.03 8.96
C LEU A 36 6.23 -6.18 10.14
N ASN A 37 5.49 -6.26 11.25
CA ASN A 37 5.79 -5.64 12.55
C ASN A 37 5.79 -4.12 12.50
N LYS A 38 5.29 -3.52 11.43
CA LYS A 38 5.07 -2.09 11.33
C LYS A 38 3.58 -1.79 11.39
N PRO A 39 3.17 -0.70 12.04
CA PRO A 39 1.73 -0.34 12.04
C PRO A 39 1.26 -0.05 10.63
N VAL A 40 0.02 -0.48 10.35
CA VAL A 40 -0.55 -0.60 9.01
C VAL A 40 -1.81 0.26 8.94
N ILE A 41 -1.86 1.20 7.98
CA ILE A 41 -3.02 2.09 7.80
C ILE A 41 -3.62 1.84 6.43
N MET A 42 -4.93 1.55 6.40
CA MET A 42 -5.66 1.30 5.15
C MET A 42 -6.96 2.07 5.02
N GLY A 43 -7.72 1.76 3.95
CA GLY A 43 -9.08 2.20 3.81
C GLY A 43 -10.07 1.08 4.10
N ARG A 44 -11.34 1.48 4.23
CA ARG A 44 -12.51 0.59 4.29
C ARG A 44 -12.29 -0.61 3.38
N HIS A 45 -12.22 -0.36 2.07
CA HIS A 45 -12.25 -1.45 1.10
C HIS A 45 -10.98 -2.29 1.15
N THR A 46 -9.80 -1.65 1.26
CA THR A 46 -8.57 -2.41 1.47
C THR A 46 -8.65 -3.29 2.73
N TRP A 47 -9.39 -2.83 3.75
CA TRP A 47 -9.65 -3.66 4.93
C TRP A 47 -10.64 -4.79 4.61
N GLU A 48 -11.62 -4.53 3.75
CA GLU A 48 -12.54 -5.60 3.40
C GLU A 48 -11.84 -6.72 2.65
N SER A 49 -10.88 -6.37 1.77
CA SER A 49 -10.20 -7.38 0.95
C SER A 49 -9.34 -8.32 1.80
N ILE A 50 -8.80 -7.87 2.94
CA ILE A 50 -8.00 -8.75 3.79
C ILE A 50 -8.87 -9.73 4.59
N GLY A 51 -9.99 -9.27 5.15
CA GLY A 51 -10.89 -10.17 5.86
C GLY A 51 -10.46 -10.54 7.26
N ARG A 52 -9.15 -10.48 7.51
CA ARG A 52 -8.56 -10.72 8.81
C ARG A 52 -7.58 -9.60 9.05
N PRO A 53 -7.40 -9.18 10.31
CA PRO A 53 -6.30 -8.26 10.61
C PRO A 53 -4.95 -8.87 10.23
N LEU A 54 -4.06 -8.03 9.72
CA LEU A 54 -2.69 -8.43 9.48
C LEU A 54 -2.00 -8.67 10.83
N PRO A 55 -1.47 -9.87 11.09
CA PRO A 55 -1.11 -10.26 12.46
C PRO A 55 0.13 -9.53 12.97
N GLY A 56 0.26 -9.50 14.31
CA GLY A 56 1.38 -8.84 14.97
C GLY A 56 1.65 -7.45 14.42
N ARG A 57 0.61 -6.62 14.39
CA ARG A 57 0.61 -5.32 13.73
C ARG A 57 -0.65 -4.60 14.15
N LYS A 58 -0.53 -3.37 14.64
CA LYS A 58 -1.76 -2.63 14.86
C LYS A 58 -2.28 -2.25 13.47
N ASN A 59 -3.58 -2.44 13.26
CA ASN A 59 -4.29 -2.21 12.01
C ASN A 59 -5.17 -0.99 12.21
N ILE A 60 -5.09 -0.01 11.31
CA ILE A 60 -5.84 1.23 11.46
C ILE A 60 -6.65 1.45 10.20
N ILE A 61 -7.92 1.81 10.35
CA ILE A 61 -8.81 1.96 9.21
C ILE A 61 -9.30 3.40 9.15
N LEU A 62 -9.01 4.07 8.03
CA LEU A 62 -9.46 5.44 7.81
C LEU A 62 -10.82 5.37 7.13
N SER A 63 -11.86 5.81 7.86
CA SER A 63 -13.22 5.74 7.36
C SER A 63 -14.04 6.91 7.89
N SER A 64 -14.76 7.56 6.97
CA SER A 64 -15.82 8.50 7.32
C SER A 64 -16.99 7.83 8.07
N GLN A 65 -17.18 6.52 7.91
CA GLN A 65 -18.26 5.76 8.55
C GLN A 65 -17.71 5.00 9.76
N PRO A 66 -18.58 4.62 10.70
CA PRO A 66 -18.10 4.04 11.97
C PRO A 66 -17.61 2.60 11.82
N GLY A 67 -17.03 2.08 12.91
CA GLY A 67 -16.36 0.78 12.87
C GLY A 67 -17.31 -0.41 12.90
N THR A 68 -16.84 -1.52 12.31
CA THR A 68 -17.61 -2.77 12.26
C THR A 68 -16.78 -3.96 12.71
N ASP A 69 -15.63 -3.72 13.35
CA ASP A 69 -14.77 -4.82 13.72
C ASP A 69 -13.85 -4.33 14.82
N ASP A 70 -14.03 -4.89 16.04
CA ASP A 70 -13.22 -4.44 17.16
C ASP A 70 -11.78 -4.93 17.08
N ARG A 71 -11.47 -5.95 16.27
CA ARG A 71 -10.08 -6.42 16.19
C ARG A 71 -9.10 -5.39 15.65
N VAL A 72 -9.64 -4.23 15.24
CA VAL A 72 -8.88 -3.19 14.55
C VAL A 72 -9.35 -1.84 15.05
N THR A 73 -8.50 -0.84 14.79
CA THR A 73 -8.71 0.55 15.16
C THR A 73 -9.35 1.33 14.01
N TRP A 74 -10.52 1.91 14.25
CA TRP A 74 -11.15 2.79 13.28
C TRP A 74 -10.88 4.25 13.68
N VAL A 75 -10.47 5.06 12.70
CA VAL A 75 -10.30 6.49 12.88
C VAL A 75 -10.99 7.18 11.70
N LYS A 76 -11.21 8.49 11.85
CA LYS A 76 -11.87 9.30 10.82
C LYS A 76 -10.92 10.25 10.10
N SER A 77 -9.80 10.61 10.71
CA SER A 77 -8.91 11.67 10.27
C SER A 77 -7.54 11.09 9.90
N VAL A 78 -6.87 11.76 8.95
CA VAL A 78 -5.49 11.38 8.65
C VAL A 78 -4.64 11.51 9.92
N ASP A 79 -4.84 12.61 10.66
CA ASP A 79 -4.00 12.87 11.83
C ASP A 79 -4.32 11.94 12.97
N GLU A 80 -5.56 11.45 13.03
CA GLU A 80 -5.93 10.48 14.05
C GLU A 80 -5.23 9.16 13.77
N ALA A 81 -5.13 8.78 12.49
CA ALA A 81 -4.47 7.54 12.12
C ALA A 81 -2.98 7.58 12.47
N ILE A 82 -2.29 8.67 12.12
CA ILE A 82 -0.87 8.79 12.46
C ILE A 82 -0.67 8.65 13.96
N ALA A 83 -1.46 9.41 14.75
CA ALA A 83 -1.32 9.37 16.19
C ALA A 83 -1.63 7.97 16.70
N ALA A 84 -2.59 7.29 16.07
CA ALA A 84 -2.98 6.00 16.60
C ALA A 84 -1.88 4.97 16.46
N CYS A 85 -0.89 5.24 15.63
CA CYS A 85 0.23 4.35 15.38
C CYS A 85 1.30 4.38 16.46
N GLY A 86 1.24 5.31 17.40
CA GLY A 86 2.29 5.44 18.39
C GLY A 86 3.58 5.93 17.77
N ASP A 87 4.64 5.90 18.59
CA ASP A 87 5.99 6.30 18.15
C ASP A 87 6.73 5.06 17.65
N VAL A 88 6.77 4.91 16.32
CA VAL A 88 7.36 3.75 15.65
C VAL A 88 8.33 4.22 14.56
N PRO A 89 9.36 3.44 14.24
CA PRO A 89 10.24 3.83 13.11
C PRO A 89 9.49 4.06 11.81
N GLU A 90 8.51 3.21 11.47
CA GLU A 90 7.90 3.32 10.16
C GLU A 90 6.43 2.95 10.19
N ILE A 91 5.59 3.82 9.61
CA ILE A 91 4.17 3.57 9.42
C ILE A 91 3.95 3.18 7.96
N MET A 92 3.07 2.22 7.72
CA MET A 92 2.89 1.64 6.39
C MET A 92 1.45 1.88 5.92
N VAL A 93 1.31 2.62 4.82
CA VAL A 93 0.01 2.95 4.22
C VAL A 93 -0.30 1.97 3.09
N ILE A 94 -1.42 1.26 3.21
CA ILE A 94 -1.69 0.03 2.50
C ILE A 94 -2.60 0.23 1.27
N GLY A 95 -3.27 1.37 1.18
CA GLY A 95 -4.28 1.59 0.16
C GLY A 95 -5.63 1.87 0.79
N GLY A 96 -6.62 2.06 -0.08
CA GLY A 96 -6.40 2.10 -1.52
C GLY A 96 -6.26 3.51 -2.06
N GLY A 97 -6.95 3.78 -3.17
CA GLY A 97 -6.94 5.08 -3.84
C GLY A 97 -7.03 6.29 -2.93
N ARG A 98 -8.16 6.47 -2.24
CA ARG A 98 -8.36 7.68 -1.44
C ARG A 98 -7.30 7.79 -0.35
N VAL A 99 -6.88 6.66 0.23
CA VAL A 99 -5.96 6.70 1.36
C VAL A 99 -4.55 7.07 0.89
N TYR A 100 -4.11 6.54 -0.25
CA TYR A 100 -2.84 6.98 -0.84
C TYR A 100 -2.82 8.49 -1.04
N GLU A 101 -3.85 9.02 -1.70
CA GLU A 101 -3.88 10.45 -2.01
C GLU A 101 -3.94 11.32 -0.75
N GLN A 102 -4.33 10.76 0.38
CA GLN A 102 -4.37 11.54 1.60
C GLN A 102 -3.02 11.57 2.30
N PHE A 103 -2.20 10.54 2.09
CA PHE A 103 -0.98 10.40 2.86
C PHE A 103 0.28 10.72 2.07
N LEU A 104 0.19 10.83 0.74
CA LEU A 104 1.36 11.21 -0.05
C LEU A 104 2.07 12.44 0.49
N PRO A 105 1.39 13.55 0.83
CA PRO A 105 2.13 14.75 1.27
C PRO A 105 3.06 14.50 2.44
N LYS A 106 2.69 13.58 3.33
CA LYS A 106 3.47 13.33 4.53
C LYS A 106 4.42 12.14 4.40
N ALA A 107 4.42 11.42 3.29
CA ALA A 107 5.25 10.23 3.19
C ALA A 107 6.67 10.60 2.75
N GLN A 108 7.65 9.83 3.26
CA GLN A 108 9.06 9.96 2.88
C GLN A 108 9.54 8.87 1.94
N LYS A 109 8.80 7.75 1.87
CA LYS A 109 9.26 6.55 1.17
C LYS A 109 8.08 5.95 0.44
N LEU A 110 8.35 5.38 -0.72
CA LEU A 110 7.36 4.65 -1.50
C LEU A 110 7.86 3.22 -1.73
N TYR A 111 6.96 2.24 -1.67
CA TYR A 111 7.34 0.86 -2.00
C TYR A 111 6.45 0.39 -3.16
N LEU A 112 6.81 0.80 -4.36
CA LEU A 112 6.00 0.49 -5.54
C LEU A 112 6.40 -0.86 -6.15
N THR A 113 5.41 -1.71 -6.40
CA THR A 113 5.55 -2.91 -7.22
C THR A 113 4.92 -2.62 -8.58
N HIS A 114 5.74 -2.31 -9.58
CA HIS A 114 5.22 -2.13 -10.93
C HIS A 114 4.96 -3.50 -11.52
N ILE A 115 3.71 -3.76 -11.91
CA ILE A 115 3.34 -5.01 -12.58
C ILE A 115 3.17 -4.72 -14.06
N ASP A 116 3.70 -5.60 -14.92
CA ASP A 116 3.66 -5.43 -16.38
C ASP A 116 2.39 -6.03 -16.98
N ALA A 117 1.24 -5.56 -16.48
CA ALA A 117 -0.08 -6.09 -16.82
C ALA A 117 -1.07 -4.94 -16.84
N GLU A 118 -2.02 -4.94 -17.75
CA GLU A 118 -3.00 -3.85 -17.83
C GLU A 118 -4.42 -4.25 -17.40
N VAL A 119 -5.04 -3.37 -16.62
CA VAL A 119 -6.41 -3.47 -16.14
C VAL A 119 -7.15 -2.19 -16.57
N GLU A 120 -8.35 -2.36 -17.13
CA GLU A 120 -9.24 -1.20 -17.26
C GLU A 120 -9.64 -0.76 -15.85
N GLY A 121 -9.12 0.40 -15.42
CA GLY A 121 -9.41 0.88 -14.09
C GLY A 121 -9.45 2.40 -14.03
N ASP A 122 -10.36 2.95 -13.21
CA ASP A 122 -10.46 4.39 -13.03
C ASP A 122 -9.84 4.87 -11.73
N THR A 123 -9.36 3.96 -10.90
CA THR A 123 -8.58 4.31 -9.73
C THR A 123 -7.10 4.23 -10.11
N HIS A 124 -6.34 5.25 -9.75
CA HIS A 124 -4.93 5.32 -10.09
C HIS A 124 -4.11 5.59 -8.84
N PHE A 125 -2.88 5.65 -9.02
CA PHE A 125 -2.03 6.03 -7.92
C PHE A 125 -1.78 7.53 -8.00
N PRO A 126 -1.48 8.18 -6.88
CA PRO A 126 -1.16 9.62 -6.92
C PRO A 126 0.06 9.90 -7.80
N ASP A 127 -0.08 10.92 -8.66
CA ASP A 127 0.97 11.33 -9.59
C ASP A 127 2.10 12.00 -8.81
N TYR A 128 3.13 11.23 -8.47
CA TYR A 128 4.31 11.75 -7.79
C TYR A 128 5.25 12.36 -8.82
N GLU A 129 5.61 13.61 -8.62
CA GLU A 129 6.64 14.28 -9.40
C GLU A 129 8.04 13.70 -9.15
N PRO A 130 8.72 13.20 -10.21
CA PRO A 130 10.06 12.64 -10.01
C PRO A 130 11.05 13.63 -9.45
N ASP A 131 10.73 14.92 -9.48
CA ASP A 131 11.62 15.96 -9.01
C ASP A 131 11.77 15.97 -7.49
N ASP A 132 10.88 15.28 -6.79
CA ASP A 132 10.88 15.17 -5.34
C ASP A 132 10.90 13.72 -4.85
N TRP A 133 11.20 12.77 -5.73
CA TRP A 133 11.30 11.37 -5.38
C TRP A 133 12.54 10.79 -6.05
N GLU A 134 13.43 10.23 -5.24
CA GLU A 134 14.60 9.57 -5.78
C GLU A 134 14.40 8.07 -5.73
N SER A 135 14.75 7.39 -6.81
CA SER A 135 14.69 5.93 -6.86
C SER A 135 15.89 5.38 -6.11
N VAL A 136 15.64 4.65 -5.04
CA VAL A 136 16.74 4.14 -4.22
C VAL A 136 16.96 2.65 -4.42
N PHE A 137 16.15 1.99 -5.26
CA PHE A 137 16.17 0.54 -5.40
C PHE A 137 15.11 0.10 -6.39
N SER A 138 15.48 -0.73 -7.36
CA SER A 138 14.54 -1.38 -8.25
C SER A 138 14.98 -2.82 -8.38
N GLU A 139 14.02 -3.72 -8.57
CA GLU A 139 14.34 -5.16 -8.63
C GLU A 139 13.38 -5.81 -9.61
N PHE A 140 13.78 -5.85 -10.87
CA PHE A 140 12.94 -6.48 -11.88
C PHE A 140 12.94 -7.98 -11.69
N HIS A 141 11.77 -8.59 -11.90
CA HIS A 141 11.60 -10.03 -11.87
C HIS A 141 10.78 -10.48 -13.05
N ASP A 142 11.22 -11.54 -13.72
CA ASP A 142 10.55 -12.05 -14.92
C ASP A 142 9.20 -12.69 -14.58
N ALA A 143 8.44 -12.99 -15.63
CA ALA A 143 7.27 -13.85 -15.48
C ALA A 143 7.72 -15.24 -15.03
N ASP A 144 6.95 -15.82 -14.12
CA ASP A 144 7.33 -16.97 -13.31
C ASP A 144 6.24 -18.03 -13.49
N ALA A 145 6.40 -19.20 -12.85
CA ALA A 145 5.33 -20.20 -12.86
C ALA A 145 4.18 -19.81 -11.93
N GLN A 146 4.45 -19.08 -10.85
CA GLN A 146 3.44 -18.58 -9.93
C GLN A 146 3.06 -17.12 -10.17
N ASN A 147 3.79 -16.41 -11.04
CA ASN A 147 3.61 -14.98 -11.25
C ASN A 147 3.24 -14.74 -12.73
N SER A 148 1.95 -14.40 -12.98
CA SER A 148 1.41 -14.45 -14.34
C SER A 148 2.11 -13.47 -15.27
N HIS A 149 2.43 -12.28 -14.77
CA HIS A 149 3.19 -11.28 -15.51
C HIS A 149 4.48 -10.99 -14.75
N SER A 150 5.42 -10.36 -15.45
CA SER A 150 6.62 -9.88 -14.77
C SER A 150 6.24 -8.75 -13.81
N TYR A 151 7.22 -8.27 -13.06
CA TYR A 151 6.95 -7.33 -11.98
C TYR A 151 8.26 -6.70 -11.52
N CYS A 152 8.22 -5.41 -11.19
CA CYS A 152 9.43 -4.73 -10.76
C CYS A 152 9.21 -4.05 -9.41
N PHE A 153 9.97 -4.49 -8.40
CA PHE A 153 9.94 -3.83 -7.12
C PHE A 153 10.71 -2.54 -7.19
N GLU A 154 10.24 -1.54 -6.45
CA GLU A 154 10.92 -0.27 -6.43
C GLU A 154 10.66 0.45 -5.12
N ILE A 155 11.72 1.06 -4.59
CA ILE A 155 11.64 1.94 -3.44
C ILE A 155 12.05 3.34 -3.88
N LEU A 156 11.26 4.33 -3.50
CA LEU A 156 11.56 5.72 -3.79
C LEU A 156 11.52 6.51 -2.49
N GLU A 157 12.37 7.53 -2.42
CA GLU A 157 12.47 8.36 -1.22
C GLU A 157 12.38 9.83 -1.59
N ARG A 158 11.65 10.59 -0.76
CA ARG A 158 11.50 12.03 -0.96
C ARG A 158 12.80 12.75 -0.60
N ARG A 159 13.21 13.69 -1.46
CA ARG A 159 14.46 14.44 -1.20
C ARG A 159 14.23 15.84 -0.61
#